data_7K41
#
_entry.id   7K41
#
_cell.length_a   188.771
_cell.length_b   52.646
_cell.length_c   84.464
_cell.angle_alpha   90.000
_cell.angle_beta   99.693
_cell.angle_gamma   90.000
#
_symmetry.space_group_name_H-M   'C 1 2 1'
#
loop_
_entity.id
_entity.type
_entity.pdbx_description
1 polymer 'O-GlcNAcase BT_4395'
2 non-polymer 'ACETATE ION'
3 non-polymer 4-(4-methylpiperidin-1-yl)-N-(2-phenylethyl)pyrimidin-2-amine
4 non-polymer 1,2-ETHANEDIOL
5 water water
#
_entity_poly.entity_id   1
_entity_poly.type   'polypeptide(L)'
_entity_poly.pdbx_seq_one_letter_code
;GGSQNVSLQPPPQQLIVQNKTIDLPAVYQLNGGEEANPHAVKVLKELLSGKQSSKKGMLISIGEKGDKSVRKYSRQIPDH
KEGYYLSVNEKEIVLAGNDERGTYYALQTFAQLLKDGKLPEVEIKDYPSVRYRGVVEGFYGTPWSHQARLSQLKFYGKNK
MNTYIYGPKDDPYHSAPNWRLPYPDKEAAQLQELVAVANENEVDFVWAIHPGQDIKWNKEDRDLLLAKFEKMYQLGVRSF
AVFFDDISGEGTNPQKQAELLNYIDEKFAQVKPDINQLVMCPTEYNKSWSNPNGNYLTTLGDKLNPSIQIMWTGDRVISD
ITRDGISWINERIKRPAYIWWNFPVSDYVRDHLLLGPVYGNDTTIAKEMSGFVTNPMEHAESSKIAIYSVASYAWNPAKY
DTWQTWKDAIRTILPSAAEELECFAMHNSDLGPNGHGYRREESMDIQPAAERFLKAFKEGKNYDKADFETLQYTFERMKE
SADILLMNTENKPLIVEITPWVHQFKLTAEMGEEVLKMVEGRNESYFLRKYNHVKALQQQMFYIDQTSNQNPYQPGVKTA
TRVIKPLIDRTFATVVKFFNQKFNAHLDATTDYMPHKMISNVEQIKNLPLQVKANRVLISPANEVVKWAAGNSVEIELDA
IYPGENIQINFGKDAPCTWGRLEISTDGKEWKTVDLKQKESRLSAGLQKAPVKFVRFTNVSDEEQQVYLRQFVLTIEKK
;
_entity_poly.pdbx_strand_id   A
#
# COMPACT_ATOMS: atom_id res chain seq x y z
N ASN A 5 -6.05 20.35 15.04
CA ASN A 5 -7.26 19.52 15.31
C ASN A 5 -6.90 18.04 15.15
N VAL A 6 -7.66 17.17 15.83
CA VAL A 6 -7.33 15.76 15.98
C VAL A 6 -7.46 15.01 14.65
N SER A 7 -6.31 14.60 14.08
CA SER A 7 -6.28 13.73 12.91
C SER A 7 -5.54 12.43 13.23
N LEU A 8 -6.17 11.29 12.93
CA LEU A 8 -5.64 10.01 13.37
C LEU A 8 -5.83 9.01 12.25
N GLN A 9 -4.74 8.29 11.94
CA GLN A 9 -4.74 7.26 10.94
C GLN A 9 -4.10 6.00 11.53
N PRO A 10 -4.79 4.83 11.49
CA PRO A 10 -6.20 4.75 11.11
C PRO A 10 -7.10 5.47 12.13
N PRO A 11 -8.31 5.91 11.72
CA PRO A 11 -9.25 6.54 12.63
C PRO A 11 -9.75 5.54 13.66
N PRO A 12 -9.72 5.90 14.96
CA PRO A 12 -10.18 4.99 16.02
C PRO A 12 -11.66 4.64 15.90
N GLN A 13 -12.05 3.48 16.43
CA GLN A 13 -13.43 3.06 16.47
C GLN A 13 -14.29 4.07 17.21
N GLN A 14 -13.77 4.57 18.35
CA GLN A 14 -14.50 5.52 19.18
C GLN A 14 -13.52 6.59 19.70
N LEU A 15 -13.95 7.86 19.61
CA LEU A 15 -13.12 9.00 19.97
C LEU A 15 -14.01 10.13 20.50
N ILE A 16 -13.63 10.67 21.66
CA ILE A 16 -14.27 11.83 22.24
C ILE A 16 -13.17 12.86 22.55
N VAL A 17 -13.28 14.05 21.93
CA VAL A 17 -12.34 15.14 22.09
C VAL A 17 -13.01 16.21 22.94
N GLN A 18 -12.26 16.77 23.91
CA GLN A 18 -12.80 17.64 24.93
C GLN A 18 -12.61 19.12 24.59
N ASN A 19 -11.84 19.39 23.53
CA ASN A 19 -11.54 20.75 23.10
C ASN A 19 -10.77 21.52 24.18
N LYS A 20 -10.01 20.81 25.01
CA LYS A 20 -8.98 21.39 25.86
C LYS A 20 -7.64 20.76 25.43
N THR A 21 -6.53 21.36 25.85
CA THR A 21 -5.22 20.79 25.59
C THR A 21 -4.37 20.83 26.85
N ILE A 22 -3.56 19.77 27.05
CA ILE A 22 -2.59 19.78 28.12
C ILE A 22 -1.20 19.73 27.53
N ASP A 23 -0.22 20.24 28.29
CA ASP A 23 1.19 20.08 27.97
C ASP A 23 1.57 18.62 28.22
N LEU A 24 2.43 18.06 27.38
CA LEU A 24 3.16 16.86 27.76
C LEU A 24 3.87 17.19 29.07
N PRO A 25 3.72 16.39 30.14
CA PRO A 25 4.15 16.80 31.48
C PRO A 25 5.67 16.89 31.63
N ALA A 26 6.13 18.06 32.12
CA ALA A 26 7.52 18.30 32.46
C ALA A 26 8.01 17.24 33.45
N VAL A 27 7.19 16.99 34.47
CA VAL A 27 7.53 15.97 35.46
C VAL A 27 6.38 14.98 35.53
N TYR A 28 6.70 13.69 35.39
CA TYR A 28 5.68 12.65 35.35
C TYR A 28 6.07 11.48 36.24
N GLN A 29 5.05 10.74 36.66
CA GLN A 29 5.22 9.46 37.32
C GLN A 29 4.74 8.41 36.34
N LEU A 30 5.61 7.43 36.05
CA LEU A 30 5.26 6.31 35.20
C LEU A 30 4.90 5.09 36.03
N ASN A 31 3.73 4.54 35.72
CA ASN A 31 3.18 3.38 36.39
C ASN A 31 3.03 2.26 35.37
N GLY A 32 3.68 1.12 35.64
CA GLY A 32 3.53 -0.06 34.82
C GLY A 32 4.66 -0.21 33.79
N GLY A 33 5.69 0.64 33.87
CA GLY A 33 6.81 0.59 32.96
C GLY A 33 7.45 -0.80 32.90
N GLU A 34 7.19 -1.63 33.90
CA GLU A 34 7.90 -2.89 34.08
C GLU A 34 7.08 -4.07 33.57
N GLU A 35 5.75 -3.94 33.57
CA GLU A 35 4.92 -5.11 33.34
C GLU A 35 4.22 -4.99 31.99
N ALA A 36 4.31 -3.81 31.37
CA ALA A 36 3.70 -3.51 30.09
C ALA A 36 4.62 -3.95 28.95
N ASN A 37 4.05 -4.17 27.75
CA ASN A 37 4.77 -4.56 26.56
C ASN A 37 6.01 -3.68 26.41
N PRO A 38 7.22 -4.26 26.43
CA PRO A 38 8.46 -3.50 26.28
C PRO A 38 8.53 -2.67 25.00
N HIS A 39 7.93 -3.17 23.90
CA HIS A 39 7.91 -2.40 22.66
C HIS A 39 7.12 -1.11 22.85
N ALA A 40 6.03 -1.17 23.61
CA ALA A 40 5.22 0.03 23.84
C ALA A 40 5.96 0.98 24.79
N VAL A 41 6.56 0.43 25.84
CA VAL A 41 7.28 1.24 26.83
C VAL A 41 8.41 2.00 26.13
N LYS A 42 9.04 1.35 25.16
CA LYS A 42 10.18 1.91 24.46
C LYS A 42 9.76 3.16 23.68
N VAL A 43 8.63 3.07 22.95
CA VAL A 43 8.07 4.24 22.28
C VAL A 43 7.74 5.35 23.28
N LEU A 44 7.11 5.00 24.40
CA LEU A 44 6.68 5.98 25.38
C LEU A 44 7.90 6.75 25.89
N LYS A 45 8.97 6.01 26.27
CA LYS A 45 10.19 6.60 26.78
C LYS A 45 10.83 7.50 25.72
N GLU A 46 10.81 7.08 24.45
CA GLU A 46 11.20 7.94 23.35
C GLU A 46 10.48 9.29 23.41
N LEU A 47 9.15 9.28 23.63
CA LEU A 47 8.39 10.52 23.53
C LEU A 47 8.55 11.37 24.78
N LEU A 48 9.08 10.77 25.86
CA LEU A 48 9.21 11.45 27.16
C LEU A 48 10.67 11.81 27.44
N SER A 49 10.93 13.11 27.65
CA SER A 49 12.20 13.55 28.19
C SER A 49 12.00 14.71 29.17
N GLY A 50 10.92 14.62 29.94
CA GLY A 50 10.87 15.24 31.25
C GLY A 50 11.51 14.30 32.26
N LYS A 51 11.29 14.58 33.55
CA LYS A 51 11.89 13.78 34.61
C LYS A 51 10.86 12.79 35.14
N GLN A 52 11.29 11.51 35.31
CA GLN A 52 10.54 10.51 36.04
C GLN A 52 10.63 10.82 37.53
N SER A 53 9.62 11.49 38.07
CA SER A 53 9.52 11.70 39.51
C SER A 53 8.70 10.58 40.14
N SER A 54 9.15 10.13 41.31
CA SER A 54 8.66 8.90 41.92
C SER A 54 7.47 9.19 42.82
N LYS A 55 7.12 10.47 42.99
CA LYS A 55 6.16 10.83 44.00
C LYS A 55 5.41 12.10 43.60
N LYS A 56 5.85 12.71 42.49
CA LYS A 56 5.24 13.94 42.01
C LYS A 56 4.95 13.78 40.53
N GLY A 57 4.50 14.88 39.91
CA GLY A 57 4.28 14.88 38.47
C GLY A 57 3.05 14.05 38.08
N MET A 58 2.61 14.28 36.83
CA MET A 58 1.40 13.73 36.28
C MET A 58 1.55 12.23 36.13
N LEU A 59 0.57 11.47 36.64
CA LEU A 59 0.56 10.02 36.48
C LEU A 59 0.37 9.66 35.02
N ILE A 60 1.19 8.72 34.56
CA ILE A 60 1.00 8.05 33.29
C ILE A 60 0.95 6.56 33.60
N SER A 61 -0.12 5.90 33.16
CA SER A 61 -0.30 4.48 33.43
C SER A 61 -0.33 3.69 32.12
N ILE A 62 0.56 2.69 32.03
CA ILE A 62 0.73 1.89 30.82
C ILE A 62 0.67 0.42 31.25
N GLY A 63 -0.01 -0.41 30.46
CA GLY A 63 -0.18 -1.81 30.83
C GLY A 63 -1.21 -2.52 29.95
N GLU A 64 -1.20 -3.86 30.05
CA GLU A 64 -2.20 -4.70 29.43
C GLU A 64 -3.22 -5.05 30.51
N LYS A 65 -4.46 -5.30 30.09
CA LYS A 65 -5.50 -5.82 30.96
C LYS A 65 -4.90 -6.92 31.85
N GLY A 66 -5.11 -6.78 33.16
CA GLY A 66 -4.59 -7.74 34.13
C GLY A 66 -3.34 -7.24 34.84
N ASP A 67 -2.65 -6.25 34.24
CA ASP A 67 -1.57 -5.56 34.93
C ASP A 67 -2.16 -4.73 36.07
N LYS A 68 -1.40 -4.63 37.16
CA LYS A 68 -1.70 -3.84 38.34
C LYS A 68 -1.91 -2.37 37.94
N SER A 69 -1.06 -1.88 37.04
CA SER A 69 -1.02 -0.48 36.66
C SER A 69 -2.36 -0.01 36.07
N VAL A 70 -3.11 -0.90 35.40
CA VAL A 70 -4.32 -0.47 34.70
C VAL A 70 -5.60 -1.08 35.27
N ARG A 71 -5.53 -1.64 36.49
CA ARG A 71 -6.66 -2.32 37.12
C ARG A 71 -7.89 -1.42 37.11
N LYS A 72 -7.68 -0.15 37.45
CA LYS A 72 -8.73 0.85 37.61
C LYS A 72 -9.51 1.05 36.31
N TYR A 73 -8.87 0.82 35.16
CA TYR A 73 -9.47 1.19 33.87
C TYR A 73 -9.92 -0.03 33.10
N SER A 74 -10.01 -1.18 33.77
CA SER A 74 -10.21 -2.47 33.11
C SER A 74 -11.52 -2.51 32.32
N ARG A 75 -12.56 -1.83 32.83
CA ARG A 75 -13.89 -1.84 32.25
C ARG A 75 -13.93 -0.98 30.98
N GLN A 76 -12.94 -0.09 30.82
CA GLN A 76 -12.86 0.79 29.67
C GLN A 76 -12.10 0.13 28.52
N ILE A 77 -11.30 -0.90 28.83
CA ILE A 77 -10.50 -1.54 27.80
C ILE A 77 -11.40 -2.40 26.90
N PRO A 78 -11.42 -2.19 25.56
CA PRO A 78 -12.29 -2.98 24.67
C PRO A 78 -11.89 -4.45 24.66
N ASP A 79 -12.92 -5.30 24.68
CA ASP A 79 -12.71 -6.74 24.71
C ASP A 79 -12.56 -7.27 23.28
N HIS A 80 -11.45 -6.88 22.64
CA HIS A 80 -11.14 -7.24 21.27
C HIS A 80 -9.63 -7.41 21.18
N LYS A 81 -9.21 -8.41 20.41
CA LYS A 81 -7.79 -8.60 20.12
C LYS A 81 -7.22 -7.30 19.54
N GLU A 82 -6.02 -6.90 20.01
CA GLU A 82 -5.31 -5.71 19.55
C GLU A 82 -6.05 -4.42 19.93
N GLY A 83 -7.01 -4.53 20.88
CA GLY A 83 -7.79 -3.38 21.31
C GLY A 83 -7.02 -2.59 22.38
N TYR A 84 -7.43 -1.33 22.58
CA TYR A 84 -6.85 -0.52 23.65
C TYR A 84 -7.80 0.60 24.05
N TYR A 85 -7.55 1.13 25.25
CA TYR A 85 -8.15 2.33 25.75
C TYR A 85 -7.05 3.35 25.98
N LEU A 86 -7.27 4.58 25.52
CA LEU A 86 -6.33 5.66 25.76
C LEU A 86 -7.10 6.87 26.28
N SER A 87 -6.51 7.53 27.28
CA SER A 87 -7.16 8.67 27.89
C SER A 87 -6.13 9.75 28.23
N VAL A 88 -6.50 11.00 27.92
CA VAL A 88 -5.69 12.16 28.24
C VAL A 88 -6.62 13.21 28.82
N ASN A 89 -6.33 13.64 30.05
CA ASN A 89 -6.99 14.76 30.69
C ASN A 89 -6.01 15.41 31.67
N GLU A 90 -6.50 16.40 32.43
CA GLU A 90 -5.69 17.23 33.31
C GLU A 90 -4.99 16.38 34.36
N LYS A 91 -5.68 15.35 34.85
CA LYS A 91 -5.19 14.54 35.95
C LYS A 91 -4.08 13.61 35.46
N GLU A 92 -4.37 12.80 34.44
CA GLU A 92 -3.49 11.68 34.13
C GLU A 92 -3.59 11.27 32.67
N ILE A 93 -2.73 10.32 32.29
CA ILE A 93 -2.69 9.70 30.97
C ILE A 93 -2.77 8.19 31.15
N VAL A 94 -3.62 7.56 30.34
CA VAL A 94 -3.82 6.12 30.39
C VAL A 94 -3.57 5.54 29.01
N LEU A 95 -2.76 4.47 29.00
CA LEU A 95 -2.48 3.71 27.79
C LEU A 95 -2.62 2.24 28.12
N ALA A 96 -3.81 1.68 27.88
CA ALA A 96 -4.16 0.33 28.33
C ALA A 96 -4.58 -0.55 27.17
N GLY A 97 -3.73 -1.52 26.81
CA GLY A 97 -4.09 -2.47 25.76
C GLY A 97 -4.89 -3.64 26.33
N ASN A 98 -5.74 -4.24 25.49
CA ASN A 98 -6.43 -5.47 25.82
C ASN A 98 -5.39 -6.57 25.92
N ASP A 99 -4.31 -6.40 25.18
CA ASP A 99 -3.20 -7.34 25.07
C ASP A 99 -1.95 -6.53 24.69
N GLU A 100 -0.80 -7.20 24.58
CA GLU A 100 0.47 -6.55 24.37
C GLU A 100 0.49 -5.71 23.08
N ARG A 101 -0.01 -6.30 21.98
CA ARG A 101 -0.06 -5.57 20.73
C ARG A 101 -0.95 -4.33 20.88
N GLY A 102 -2.10 -4.47 21.56
CA GLY A 102 -2.99 -3.35 21.84
C GLY A 102 -2.27 -2.20 22.56
N THR A 103 -1.42 -2.51 23.56
CA THR A 103 -0.70 -1.44 24.22
C THR A 103 0.19 -0.70 23.22
N TYR A 104 0.76 -1.44 22.27
CA TYR A 104 1.64 -0.83 21.29
C TYR A 104 0.82 0.11 20.38
N TYR A 105 -0.34 -0.38 19.94
CA TYR A 105 -1.29 0.38 19.16
C TYR A 105 -1.74 1.66 19.88
N ALA A 106 -2.00 1.56 21.20
CA ALA A 106 -2.24 2.75 21.98
C ALA A 106 -1.11 3.77 21.67
N LEU A 107 0.14 3.30 21.74
CA LEU A 107 1.28 4.20 21.73
C LEU A 107 1.43 4.84 20.35
N GLN A 108 1.05 4.08 19.31
CA GLN A 108 1.09 4.60 17.95
C GLN A 108 0.06 5.72 17.83
N THR A 109 -1.10 5.54 18.46
CA THR A 109 -2.11 6.59 18.45
C THR A 109 -1.61 7.79 19.26
N PHE A 110 -1.07 7.52 20.44
CA PHE A 110 -0.54 8.56 21.32
C PHE A 110 0.48 9.44 20.59
N ALA A 111 1.41 8.84 19.83
CA ALA A 111 2.42 9.59 19.09
C ALA A 111 1.80 10.58 18.09
N GLN A 112 0.68 10.21 17.44
CA GLN A 112 0.02 11.13 16.52
C GLN A 112 -0.69 12.27 17.24
N LEU A 113 -1.10 12.09 18.52
CA LEU A 113 -1.83 13.12 19.23
C LEU A 113 -0.86 14.23 19.67
N LEU A 114 0.40 13.84 19.92
CA LEU A 114 1.40 14.70 20.54
C LEU A 114 1.94 15.67 19.49
N LYS A 115 1.59 16.95 19.62
CA LYS A 115 1.93 17.95 18.63
C LYS A 115 2.47 19.19 19.34
N ASP A 116 3.74 19.50 19.08
CA ASP A 116 4.43 20.65 19.66
C ASP A 116 4.36 20.62 21.18
N GLY A 117 4.57 19.43 21.78
CA GLY A 117 4.63 19.27 23.23
C GLY A 117 3.26 19.35 23.89
N LYS A 118 2.20 19.29 23.08
CA LYS A 118 0.84 19.43 23.58
C LYS A 118 0.01 18.22 23.18
N LEU A 119 -0.98 17.90 24.02
CA LEU A 119 -1.92 16.82 23.80
C LEU A 119 -3.34 17.37 23.89
N PRO A 120 -4.28 16.93 23.02
CA PRO A 120 -5.70 17.20 23.23
C PRO A 120 -6.20 16.37 24.41
N GLU A 121 -7.29 16.81 25.05
CA GLU A 121 -7.95 15.96 26.03
C GLU A 121 -8.89 15.03 25.28
N VAL A 122 -8.66 13.73 25.40
CA VAL A 122 -9.34 12.78 24.52
C VAL A 122 -9.58 11.49 25.30
N GLU A 123 -10.55 10.74 24.80
CA GLU A 123 -10.78 9.39 25.27
C GLU A 123 -11.05 8.56 24.03
N ILE A 124 -10.33 7.44 23.91
CA ILE A 124 -10.39 6.61 22.73
C ILE A 124 -10.60 5.16 23.18
N LYS A 125 -11.54 4.49 22.49
CA LYS A 125 -11.60 3.05 22.59
C LYS A 125 -11.45 2.54 21.16
N ASP A 126 -10.56 1.56 20.96
CA ASP A 126 -10.12 1.28 19.60
C ASP A 126 -9.73 -0.20 19.47
N TYR A 127 -9.89 -0.72 18.26
CA TYR A 127 -9.54 -2.09 17.93
C TYR A 127 -9.72 -2.21 16.42
N PRO A 128 -9.11 -3.21 15.77
CA PRO A 128 -9.20 -3.34 14.30
C PRO A 128 -10.49 -4.05 13.92
N SER A 129 -11.09 -3.69 12.80
CA SER A 129 -12.28 -4.39 12.33
C SER A 129 -11.89 -5.69 11.63
N VAL A 130 -10.71 -5.70 11.00
CA VAL A 130 -10.26 -6.86 10.26
C VAL A 130 -9.07 -7.45 11.01
N ARG A 131 -9.08 -8.78 11.21
CA ARG A 131 -8.12 -9.45 12.08
C ARG A 131 -6.68 -9.32 11.57
N TYR A 132 -6.45 -9.60 10.28
CA TYR A 132 -5.11 -9.53 9.71
C TYR A 132 -5.07 -8.45 8.64
N ARG A 133 -4.08 -7.55 8.77
CA ARG A 133 -3.94 -6.39 7.90
C ARG A 133 -2.47 -6.20 7.54
N GLY A 134 -2.16 -6.15 6.23
CA GLY A 134 -0.80 -5.83 5.85
C GLY A 134 -0.49 -5.97 4.36
N VAL A 135 0.73 -6.44 4.11
CA VAL A 135 1.39 -6.39 2.81
C VAL A 135 1.92 -7.78 2.50
N VAL A 136 1.66 -8.26 1.27
CA VAL A 136 2.31 -9.44 0.72
C VAL A 136 3.34 -8.98 -0.30
N GLU A 137 4.57 -9.49 -0.15
CA GLU A 137 5.68 -9.18 -1.04
C GLU A 137 5.56 -10.09 -2.26
N GLY A 138 4.60 -9.75 -3.13
CA GLY A 138 4.09 -10.71 -4.10
C GLY A 138 4.20 -10.24 -5.55
N PHE A 139 5.02 -9.20 -5.80
CA PHE A 139 5.17 -8.60 -7.13
C PHE A 139 6.31 -9.25 -7.90
N TYR A 140 6.19 -9.27 -9.23
CA TYR A 140 7.32 -9.54 -10.12
C TYR A 140 8.13 -8.26 -10.34
N GLY A 141 9.36 -8.40 -10.84
CA GLY A 141 10.26 -7.27 -11.09
C GLY A 141 11.48 -7.32 -10.17
N THR A 142 12.20 -6.18 -10.07
CA THR A 142 13.37 -6.11 -9.20
C THR A 142 12.93 -6.25 -7.74
N PRO A 143 13.47 -7.21 -6.96
CA PRO A 143 13.09 -7.35 -5.55
C PRO A 143 13.50 -6.11 -4.76
N TRP A 144 12.76 -5.86 -3.67
CA TRP A 144 13.15 -4.85 -2.69
C TRP A 144 14.51 -5.23 -2.10
N SER A 145 15.29 -4.22 -1.69
CA SER A 145 16.51 -4.46 -0.92
C SER A 145 16.16 -4.80 0.53
N HIS A 146 17.20 -5.22 1.25
CA HIS A 146 17.13 -5.46 2.68
C HIS A 146 16.71 -4.19 3.43
N GLN A 147 17.34 -3.05 3.12
CA GLN A 147 17.03 -1.78 3.78
C GLN A 147 15.58 -1.39 3.50
N ALA A 148 15.09 -1.65 2.28
CA ALA A 148 13.72 -1.31 1.93
C ALA A 148 12.76 -2.06 2.86
N ARG A 149 13.01 -3.35 3.07
CA ARG A 149 12.19 -4.20 3.92
C ARG A 149 12.22 -3.69 5.36
N LEU A 150 13.39 -3.28 5.88
CA LEU A 150 13.43 -2.78 7.24
C LEU A 150 12.57 -1.52 7.36
N SER A 151 12.61 -0.69 6.33
CA SER A 151 11.85 0.55 6.36
C SER A 151 10.34 0.29 6.25
N GLN A 152 9.95 -0.69 5.43
CA GLN A 152 8.56 -1.09 5.33
C GLN A 152 8.01 -1.49 6.72
N LEU A 153 8.74 -2.35 7.41
CA LEU A 153 8.25 -2.94 8.66
C LEU A 153 7.99 -1.85 9.70
N LYS A 154 8.86 -0.82 9.77
CA LYS A 154 8.66 0.29 10.70
C LYS A 154 7.40 1.07 10.32
N PHE A 155 7.17 1.22 9.02
CA PHE A 155 5.97 1.89 8.52
C PHE A 155 4.73 1.06 8.86
N TYR A 156 4.83 -0.28 8.77
CA TYR A 156 3.68 -1.13 9.09
C TYR A 156 3.29 -0.95 10.55
N GLY A 157 4.26 -0.95 11.46
CA GLY A 157 3.89 -0.80 12.87
C GLY A 157 3.22 0.54 13.17
N LYS A 158 3.73 1.63 12.56
CA LYS A 158 3.15 2.95 12.76
C LYS A 158 1.66 3.01 12.36
N ASN A 159 1.27 2.24 11.32
CA ASN A 159 -0.06 2.26 10.74
C ASN A 159 -0.87 1.04 11.21
N LYS A 160 -0.36 0.34 12.25
CA LYS A 160 -1.05 -0.76 12.92
C LYS A 160 -1.37 -1.89 11.94
N MET A 161 -0.50 -2.13 10.96
CA MET A 161 -0.61 -3.33 10.14
C MET A 161 0.17 -4.45 10.84
N ASN A 162 -0.46 -5.62 11.00
CA ASN A 162 0.15 -6.69 11.81
C ASN A 162 0.70 -7.82 10.93
N THR A 163 0.72 -7.65 9.60
CA THR A 163 1.01 -8.76 8.69
C THR A 163 2.02 -8.34 7.62
N TYR A 164 3.09 -9.13 7.50
CA TYR A 164 4.04 -9.01 6.40
C TYR A 164 4.34 -10.40 5.85
N ILE A 165 3.89 -10.66 4.63
CA ILE A 165 4.14 -11.94 4.02
C ILE A 165 5.40 -11.84 3.17
N TYR A 166 6.48 -12.46 3.67
CA TYR A 166 7.81 -12.36 3.12
C TYR A 166 7.95 -13.29 1.92
N GLY A 167 8.59 -12.79 0.85
CA GLY A 167 8.94 -13.62 -0.28
C GLY A 167 9.75 -12.90 -1.37
N PRO A 168 10.99 -12.40 -1.09
CA PRO A 168 11.79 -11.73 -2.12
C PRO A 168 12.15 -12.76 -3.19
N LYS A 169 12.03 -12.39 -4.47
CA LYS A 169 12.20 -13.36 -5.55
C LYS A 169 13.68 -13.73 -5.72
N ASP A 170 14.60 -13.02 -5.05
CA ASP A 170 16.02 -13.33 -5.13
C ASP A 170 16.44 -14.13 -3.90
N ASP A 171 15.47 -14.58 -3.12
CA ASP A 171 15.73 -15.52 -2.05
C ASP A 171 15.31 -16.91 -2.52
N PRO A 172 16.25 -17.84 -2.78
CA PRO A 172 15.86 -19.15 -3.31
C PRO A 172 15.39 -20.18 -2.27
N TYR A 173 15.49 -19.83 -0.98
CA TYR A 173 15.28 -20.80 0.08
C TYR A 173 13.81 -20.92 0.49
N HIS A 174 12.91 -20.19 -0.19
CA HIS A 174 11.48 -20.40 0.04
C HIS A 174 10.81 -20.99 -1.20
N SER A 175 11.63 -21.29 -2.22
CA SER A 175 11.17 -21.77 -3.52
C SER A 175 11.87 -23.05 -3.92
N ALA A 176 11.46 -23.61 -5.06
CA ALA A 176 12.06 -24.81 -5.63
C ALA A 176 13.43 -24.48 -6.21
N PRO A 177 14.44 -25.36 -6.05
CA PRO A 177 14.32 -26.55 -5.19
C PRO A 177 14.81 -26.27 -3.77
N ASN A 178 15.25 -25.04 -3.52
CA ASN A 178 16.09 -24.79 -2.35
C ASN A 178 15.25 -24.65 -1.07
N TRP A 179 13.91 -24.70 -1.17
CA TRP A 179 13.07 -24.68 0.04
C TRP A 179 13.48 -25.80 0.99
N ARG A 180 14.09 -26.87 0.44
CA ARG A 180 14.54 -28.02 1.19
C ARG A 180 15.83 -27.71 1.95
N LEU A 181 16.51 -26.62 1.58
CA LEU A 181 17.80 -26.31 2.16
C LEU A 181 17.63 -25.29 3.27
N PRO A 182 18.46 -25.35 4.34
CA PRO A 182 18.44 -24.33 5.38
C PRO A 182 19.10 -23.08 4.79
N TYR A 183 18.73 -21.93 5.35
CA TYR A 183 19.37 -20.67 4.99
C TYR A 183 20.84 -20.76 5.36
N PRO A 184 21.78 -20.38 4.47
CA PRO A 184 23.19 -20.28 4.87
C PRO A 184 23.31 -19.14 5.88
N ASP A 185 24.43 -19.09 6.60
CA ASP A 185 24.52 -18.29 7.81
C ASP A 185 24.21 -16.82 7.52
N LYS A 186 24.76 -16.30 6.42
CA LYS A 186 24.69 -14.87 6.17
C LYS A 186 23.25 -14.44 5.88
N GLU A 187 22.55 -15.24 5.06
CA GLU A 187 21.17 -14.94 4.68
C GLU A 187 20.27 -15.14 5.90
N ALA A 188 20.57 -16.17 6.71
CA ALA A 188 19.78 -16.46 7.89
C ALA A 188 19.80 -15.28 8.84
N ALA A 189 20.99 -14.68 9.02
CA ALA A 189 21.20 -13.56 9.91
C ALA A 189 20.45 -12.31 9.42
N GLN A 190 20.35 -12.14 8.10
CA GLN A 190 19.60 -11.04 7.52
C GLN A 190 18.11 -11.22 7.76
N LEU A 191 17.61 -12.43 7.54
CA LEU A 191 16.21 -12.74 7.76
C LEU A 191 15.91 -12.57 9.26
N GLN A 192 16.90 -12.94 10.08
CA GLN A 192 16.77 -12.85 11.53
C GLN A 192 16.53 -11.40 11.92
N GLU A 193 17.29 -10.49 11.29
CA GLU A 193 17.18 -9.07 11.53
C GLU A 193 15.80 -8.56 11.11
N LEU A 194 15.27 -9.05 9.97
CA LEU A 194 13.90 -8.72 9.61
C LEU A 194 12.94 -9.16 10.71
N VAL A 195 13.15 -10.38 11.24
CA VAL A 195 12.19 -10.93 12.22
C VAL A 195 12.22 -10.05 13.47
N ALA A 196 13.42 -9.67 13.91
CA ALA A 196 13.58 -8.87 15.12
C ALA A 196 12.86 -7.54 14.96
N VAL A 197 13.04 -6.90 13.79
CA VAL A 197 12.46 -5.59 13.53
C VAL A 197 10.94 -5.75 13.44
N ALA A 198 10.46 -6.80 12.76
CA ALA A 198 9.03 -7.09 12.68
C ALA A 198 8.45 -7.22 14.09
N ASN A 199 9.13 -8.00 14.96
CA ASN A 199 8.68 -8.22 16.33
C ASN A 199 8.60 -6.88 17.09
N GLU A 200 9.65 -6.04 16.99
CA GLU A 200 9.71 -4.76 17.68
C GLU A 200 8.51 -3.89 17.28
N ASN A 201 8.05 -4.07 16.04
CA ASN A 201 7.01 -3.22 15.47
C ASN A 201 5.67 -3.95 15.50
N GLU A 202 5.60 -5.06 16.26
CA GLU A 202 4.36 -5.79 16.45
C GLU A 202 3.77 -6.27 15.12
N VAL A 203 4.64 -6.64 14.18
CA VAL A 203 4.22 -7.17 12.89
C VAL A 203 4.51 -8.67 12.87
N ASP A 204 3.52 -9.47 12.44
CA ASP A 204 3.78 -10.88 12.14
C ASP A 204 4.56 -11.03 10.83
N PHE A 205 5.80 -11.52 10.95
CA PHE A 205 6.61 -11.94 9.81
C PHE A 205 6.10 -13.31 9.39
N VAL A 206 5.42 -13.37 8.24
CA VAL A 206 4.86 -14.62 7.77
C VAL A 206 5.82 -15.17 6.71
N TRP A 207 6.46 -16.30 7.01
CA TRP A 207 7.36 -16.90 6.04
C TRP A 207 6.57 -17.79 5.09
N ALA A 208 6.62 -17.45 3.80
CA ALA A 208 5.87 -18.15 2.79
C ALA A 208 6.78 -19.16 2.09
N ILE A 209 6.32 -20.41 2.01
CA ILE A 209 6.96 -21.44 1.22
C ILE A 209 6.16 -21.61 -0.07
N HIS A 210 6.89 -21.72 -1.20
CA HIS A 210 6.32 -21.82 -2.54
C HIS A 210 6.83 -23.13 -3.16
N PRO A 211 6.33 -24.31 -2.73
CA PRO A 211 6.93 -25.58 -3.14
C PRO A 211 6.27 -26.18 -4.38
N GLY A 212 5.32 -25.45 -4.97
CA GLY A 212 4.42 -25.98 -5.98
C GLY A 212 5.14 -26.72 -7.12
N GLN A 213 6.33 -26.25 -7.49
CA GLN A 213 7.13 -26.86 -8.54
C GLN A 213 7.77 -28.15 -8.01
N ASP A 214 8.33 -28.07 -6.80
CA ASP A 214 8.90 -29.16 -6.01
C ASP A 214 10.43 -28.97 -5.90
N TRP A 217 4.90 -35.15 -2.97
CA TRP A 217 3.50 -35.50 -2.60
C TRP A 217 3.49 -36.80 -1.80
N ASN A 218 4.68 -37.31 -1.49
CA ASN A 218 4.88 -38.52 -0.71
C ASN A 218 5.10 -38.15 0.75
N LYS A 219 5.39 -39.15 1.58
CA LYS A 219 5.62 -38.96 3.01
C LYS A 219 6.89 -38.14 3.24
N GLU A 220 7.87 -38.24 2.33
CA GLU A 220 9.17 -37.65 2.56
C GLU A 220 9.19 -36.17 2.19
N ASP A 221 8.37 -35.77 1.21
CA ASP A 221 8.25 -34.36 0.86
C ASP A 221 7.55 -33.66 2.01
N ARG A 222 6.48 -34.30 2.50
CA ARG A 222 5.75 -33.87 3.69
C ARG A 222 6.72 -33.61 4.84
N ASP A 223 7.70 -34.51 4.99
CA ASP A 223 8.64 -34.50 6.10
C ASP A 223 9.61 -33.33 5.98
N LEU A 224 10.13 -33.11 4.77
CA LEU A 224 11.12 -32.07 4.52
C LEU A 224 10.52 -30.69 4.78
N LEU A 225 9.25 -30.53 4.41
CA LEU A 225 8.55 -29.27 4.61
C LEU A 225 8.44 -29.01 6.12
N LEU A 226 8.02 -30.03 6.86
CA LEU A 226 7.86 -29.91 8.30
C LEU A 226 9.20 -29.55 8.96
N ALA A 227 10.27 -30.25 8.56
CA ALA A 227 11.61 -29.97 9.05
C ALA A 227 12.05 -28.54 8.70
N LYS A 228 11.68 -28.06 7.51
CA LYS A 228 12.06 -26.70 7.15
C LYS A 228 11.33 -25.69 8.03
N PHE A 229 10.04 -25.91 8.27
CA PHE A 229 9.23 -25.07 9.13
C PHE A 229 9.87 -24.98 10.53
N GLU A 230 10.38 -26.11 11.00
CA GLU A 230 11.05 -26.22 12.28
C GLU A 230 12.30 -25.32 12.34
N LYS A 231 13.17 -25.40 11.33
CA LYS A 231 14.35 -24.55 11.27
C LYS A 231 13.97 -23.06 11.20
N MET A 232 12.89 -22.70 10.50
CA MET A 232 12.48 -21.31 10.45
C MET A 232 11.97 -20.89 11.84
N TYR A 233 11.37 -21.83 12.59
CA TYR A 233 10.97 -21.59 13.97
C TYR A 233 12.20 -21.22 14.82
N GLN A 234 13.26 -22.02 14.71
CA GLN A 234 14.50 -21.78 15.44
C GLN A 234 15.08 -20.41 15.09
N LEU A 235 14.84 -19.95 13.86
CA LEU A 235 15.27 -18.63 13.43
C LEU A 235 14.39 -17.52 14.00
N GLY A 236 13.23 -17.89 14.57
CA GLY A 236 12.36 -16.91 15.23
C GLY A 236 11.03 -16.65 14.53
N VAL A 237 10.77 -17.31 13.40
CA VAL A 237 9.53 -17.15 12.63
C VAL A 237 8.39 -17.79 13.41
N ARG A 238 7.22 -17.13 13.45
CA ARG A 238 6.10 -17.62 14.23
C ARG A 238 4.83 -17.67 13.38
N SER A 239 4.93 -17.29 12.09
CA SER A 239 3.79 -17.30 11.18
C SER A 239 4.21 -17.87 9.82
N PHE A 240 3.29 -18.57 9.14
CA PHE A 240 3.67 -19.40 8.01
C PHE A 240 2.58 -19.37 6.94
N ALA A 241 3.00 -19.42 5.66
CA ALA A 241 2.09 -19.52 4.53
C ALA A 241 2.57 -20.61 3.58
N VAL A 242 1.62 -21.32 2.93
CA VAL A 242 1.94 -22.34 1.95
C VAL A 242 1.20 -21.98 0.67
N PHE A 243 1.95 -21.82 -0.43
CA PHE A 243 1.41 -21.39 -1.72
C PHE A 243 1.18 -22.57 -2.65
N PHE A 244 -0.01 -22.62 -3.24
CA PHE A 244 -0.38 -23.63 -4.21
C PHE A 244 -0.90 -23.01 -5.50
N ASP A 245 -0.70 -21.69 -5.67
CA ASP A 245 -1.06 -21.00 -6.89
C ASP A 245 -0.26 -21.60 -8.04
N ASP A 246 0.81 -22.27 -7.63
CA ASP A 246 1.99 -22.65 -8.37
C ASP A 246 1.84 -24.04 -8.98
N ILE A 247 1.01 -24.88 -8.36
CA ILE A 247 1.13 -26.31 -8.50
C ILE A 247 0.34 -26.80 -9.72
N SER A 248 0.71 -27.98 -10.24
CA SER A 248 0.11 -28.53 -11.44
C SER A 248 -0.08 -30.04 -11.30
N GLY A 249 -0.97 -30.58 -12.12
CA GLY A 249 -1.24 -32.01 -12.12
C GLY A 249 -1.85 -32.49 -10.81
N GLU A 250 -1.30 -33.57 -10.26
CA GLU A 250 -1.73 -34.18 -9.02
C GLU A 250 -1.78 -33.17 -7.86
N GLY A 251 -0.81 -32.24 -7.84
CA GLY A 251 -0.69 -31.29 -6.75
C GLY A 251 -1.88 -30.35 -6.60
N THR A 252 -2.81 -30.37 -7.57
CA THR A 252 -3.95 -29.47 -7.58
C THR A 252 -5.12 -30.11 -6.83
N ASN A 253 -4.91 -31.32 -6.34
CA ASN A 253 -5.96 -32.06 -5.65
C ASN A 253 -6.22 -31.45 -4.28
N PRO A 254 -7.45 -30.95 -4.03
CA PRO A 254 -7.71 -30.17 -2.82
C PRO A 254 -7.70 -31.02 -1.55
N GLN A 255 -8.10 -32.28 -1.70
CA GLN A 255 -8.06 -33.21 -0.58
C GLN A 255 -6.61 -33.42 -0.15
N LYS A 256 -5.70 -33.55 -1.12
CA LYS A 256 -4.31 -33.79 -0.78
C LYS A 256 -3.63 -32.52 -0.28
N GLN A 257 -4.08 -31.35 -0.74
CA GLN A 257 -3.56 -30.09 -0.24
C GLN A 257 -3.98 -29.94 1.23
N ALA A 258 -5.25 -30.20 1.50
CA ALA A 258 -5.80 -30.10 2.85
C ALA A 258 -5.03 -31.02 3.79
N GLU A 259 -4.75 -32.25 3.33
CA GLU A 259 -4.10 -33.26 4.16
C GLU A 259 -2.75 -32.76 4.64
N LEU A 260 -1.94 -32.22 3.73
CA LEU A 260 -0.63 -31.73 4.12
C LEU A 260 -0.73 -30.53 5.07
N LEU A 261 -1.69 -29.64 4.82
CA LEU A 261 -1.84 -28.43 5.62
C LEU A 261 -2.38 -28.76 7.01
N ASN A 262 -3.36 -29.67 7.08
CA ASN A 262 -3.93 -30.16 8.32
C ASN A 262 -2.87 -30.92 9.13
N TYR A 263 -2.01 -31.64 8.42
CA TYR A 263 -0.86 -32.30 9.01
C TYR A 263 0.10 -31.30 9.65
N ILE A 264 0.46 -30.22 8.92
CA ILE A 264 1.37 -29.19 9.42
C ILE A 264 0.78 -28.54 10.67
N ASP A 265 -0.53 -28.29 10.62
CA ASP A 265 -1.27 -27.71 11.71
C ASP A 265 -1.13 -28.58 12.97
N GLU A 266 -1.33 -29.89 12.80
CA GLU A 266 -1.41 -30.81 13.93
C GLU A 266 -0.04 -31.10 14.52
N LYS A 267 1.00 -31.23 13.68
CA LYS A 267 2.29 -31.65 14.18
C LYS A 267 3.21 -30.46 14.42
N PHE A 268 2.77 -29.25 14.05
CA PHE A 268 3.65 -28.10 14.21
C PHE A 268 2.91 -26.91 14.83
N ALA A 269 1.82 -26.48 14.20
CA ALA A 269 1.14 -25.26 14.61
C ALA A 269 0.44 -25.45 15.97
N GLN A 270 -0.05 -26.67 16.23
CA GLN A 270 -0.80 -26.99 17.44
C GLN A 270 0.15 -27.47 18.53
N VAL A 271 1.42 -27.69 18.19
CA VAL A 271 2.38 -28.25 19.12
C VAL A 271 3.26 -27.15 19.71
N LYS A 272 3.39 -26.04 18.97
CA LYS A 272 4.19 -24.92 19.44
C LYS A 272 3.32 -24.03 20.31
N PRO A 273 3.91 -23.32 21.29
CA PRO A 273 3.13 -22.40 22.13
C PRO A 273 2.62 -21.13 21.47
N ASP A 274 3.13 -20.77 20.28
CA ASP A 274 3.07 -19.36 19.90
C ASP A 274 3.08 -19.13 18.39
N ILE A 275 2.45 -20.02 17.63
CA ILE A 275 2.25 -19.79 16.21
C ILE A 275 1.02 -18.90 16.00
N ASN A 276 1.20 -17.78 15.28
CA ASN A 276 0.12 -16.87 14.96
C ASN A 276 -0.59 -17.29 13.67
N GLN A 277 -0.08 -16.93 12.50
CA GLN A 277 -0.83 -17.21 11.29
C GLN A 277 -0.36 -18.51 10.65
N LEU A 278 -1.33 -19.28 10.15
CA LEU A 278 -1.11 -20.35 9.19
C LEU A 278 -2.06 -20.10 8.02
N VAL A 279 -1.48 -19.83 6.85
CA VAL A 279 -2.22 -19.32 5.71
C VAL A 279 -1.86 -20.18 4.50
N MET A 280 -2.85 -20.44 3.64
CA MET A 280 -2.56 -21.10 2.38
C MET A 280 -3.14 -20.29 1.22
N CYS A 281 -2.44 -20.32 0.09
CA CYS A 281 -2.94 -19.71 -1.13
C CYS A 281 -3.49 -20.82 -2.02
N PRO A 282 -4.78 -20.82 -2.38
CA PRO A 282 -5.37 -21.94 -3.15
C PRO A 282 -4.99 -21.87 -4.63
N THR A 283 -5.26 -22.97 -5.35
CA THR A 283 -4.92 -23.08 -6.77
C THR A 283 -5.89 -22.21 -7.57
N GLU A 284 -7.15 -22.21 -7.13
CA GLU A 284 -8.19 -21.33 -7.66
C GLU A 284 -8.34 -20.18 -6.68
N TYR A 285 -7.84 -18.99 -7.07
CA TYR A 285 -7.68 -17.88 -6.14
C TYR A 285 -8.50 -16.66 -6.53
N ASN A 286 -9.31 -16.78 -7.59
CA ASN A 286 -10.32 -15.79 -7.93
C ASN A 286 -11.47 -16.52 -8.64
N LYS A 287 -12.64 -15.88 -8.70
CA LYS A 287 -13.84 -16.54 -9.18
C LYS A 287 -13.74 -16.76 -10.69
N SER A 288 -13.07 -15.84 -11.38
CA SER A 288 -12.95 -15.97 -12.82
C SER A 288 -12.12 -17.20 -13.17
N TRP A 289 -11.07 -17.50 -12.40
CA TRP A 289 -10.19 -18.60 -12.75
C TRP A 289 -10.57 -19.85 -11.96
N SER A 290 -11.81 -19.92 -11.48
CA SER A 290 -12.24 -21.16 -10.90
C SER A 290 -13.27 -21.85 -11.78
N ASN A 291 -13.39 -23.16 -11.60
CA ASN A 291 -14.25 -23.95 -12.46
C ASN A 291 -15.63 -24.10 -11.82
N PRO A 292 -16.66 -23.38 -12.34
CA PRO A 292 -18.04 -23.53 -11.85
C PRO A 292 -18.52 -24.97 -11.89
N ASN A 293 -17.89 -25.77 -12.77
CA ASN A 293 -18.37 -27.11 -13.04
C ASN A 293 -17.51 -28.11 -12.27
N GLY A 294 -16.59 -27.60 -11.45
CA GLY A 294 -15.64 -28.44 -10.74
C GLY A 294 -15.81 -28.38 -9.22
N ASN A 295 -14.76 -28.79 -8.51
CA ASN A 295 -14.91 -29.27 -7.15
C ASN A 295 -14.06 -28.54 -6.10
N TYR A 296 -13.16 -27.68 -6.54
CA TYR A 296 -11.92 -27.45 -5.81
C TYR A 296 -12.04 -26.62 -4.48
N LEU A 297 -13.04 -25.66 -4.56
CA LEU A 297 -13.12 -24.72 -3.45
C LEU A 297 -13.99 -25.31 -2.33
N THR A 298 -15.08 -26.00 -2.70
CA THR A 298 -15.97 -26.54 -1.69
C THR A 298 -15.29 -27.67 -0.92
N THR A 299 -14.43 -28.42 -1.63
CA THR A 299 -13.72 -29.55 -1.04
C THR A 299 -12.67 -29.03 -0.08
N LEU A 300 -11.96 -27.97 -0.50
CA LEU A 300 -10.96 -27.34 0.35
C LEU A 300 -11.67 -26.90 1.66
N GLY A 301 -12.78 -26.17 1.46
CA GLY A 301 -13.53 -25.56 2.55
C GLY A 301 -14.01 -26.59 3.57
N ASP A 302 -14.25 -27.82 3.08
CA ASP A 302 -14.74 -28.91 3.90
C ASP A 302 -13.61 -29.60 4.65
N LYS A 303 -12.47 -29.80 3.99
CA LYS A 303 -11.44 -30.66 4.55
C LYS A 303 -10.37 -29.87 5.31
N LEU A 304 -10.22 -28.57 5.01
CA LEU A 304 -9.14 -27.81 5.62
C LEU A 304 -9.58 -27.39 7.02
N ASN A 305 -8.73 -27.65 8.02
CA ASN A 305 -8.98 -27.25 9.40
C ASN A 305 -9.46 -25.81 9.47
N PRO A 306 -10.45 -25.53 10.35
CA PRO A 306 -10.99 -24.18 10.57
C PRO A 306 -9.99 -23.07 10.91
N SER A 307 -8.85 -23.43 11.50
CA SER A 307 -7.90 -22.40 11.93
C SER A 307 -6.97 -21.97 10.78
N ILE A 308 -7.10 -22.57 9.60
CA ILE A 308 -6.22 -22.25 8.48
C ILE A 308 -6.92 -21.25 7.55
N GLN A 309 -6.20 -20.17 7.22
CA GLN A 309 -6.68 -19.10 6.36
C GLN A 309 -6.50 -19.50 4.90
N ILE A 310 -7.45 -19.08 4.06
CA ILE A 310 -7.39 -19.30 2.62
C ILE A 310 -7.42 -17.94 1.92
N MET A 311 -6.39 -17.65 1.12
CA MET A 311 -6.27 -16.39 0.40
C MET A 311 -7.20 -16.37 -0.81
N TRP A 312 -7.56 -15.15 -1.24
CA TRP A 312 -8.53 -14.97 -2.29
C TRP A 312 -8.39 -13.56 -2.86
N THR A 313 -8.45 -13.42 -4.20
CA THR A 313 -8.27 -12.10 -4.81
C THR A 313 -9.61 -11.48 -5.25
N GLY A 314 -10.72 -12.17 -4.99
CA GLY A 314 -12.01 -11.65 -5.38
C GLY A 314 -12.46 -12.24 -6.72
N ASP A 315 -13.32 -11.49 -7.42
CA ASP A 315 -14.07 -11.94 -8.59
C ASP A 315 -13.15 -12.15 -9.79
N ARG A 316 -12.06 -11.39 -9.84
CA ARG A 316 -11.03 -11.54 -10.84
C ARG A 316 -9.68 -11.29 -10.18
N VAL A 317 -8.60 -11.57 -10.91
CA VAL A 317 -7.27 -11.55 -10.35
C VAL A 317 -6.93 -10.12 -9.92
N ILE A 318 -7.29 -9.12 -10.73
CA ILE A 318 -7.33 -7.74 -10.26
C ILE A 318 -8.78 -7.30 -10.08
N SER A 319 -9.20 -7.06 -8.83
CA SER A 319 -10.56 -6.59 -8.60
C SER A 319 -10.70 -6.02 -7.19
N ASP A 320 -11.79 -5.26 -7.01
CA ASP A 320 -12.10 -4.63 -5.74
C ASP A 320 -13.16 -5.51 -5.09
N ILE A 321 -13.08 -5.65 -3.76
CA ILE A 321 -13.93 -6.65 -3.13
C ILE A 321 -15.31 -6.08 -2.81
N THR A 322 -16.35 -6.86 -3.15
CA THR A 322 -17.74 -6.47 -3.00
C THR A 322 -18.45 -7.46 -2.07
N ARG A 323 -19.63 -7.05 -1.57
CA ARG A 323 -20.42 -7.93 -0.72
C ARG A 323 -20.76 -9.21 -1.47
N ASP A 324 -21.13 -9.09 -2.76
CA ASP A 324 -21.51 -10.26 -3.55
C ASP A 324 -20.31 -11.18 -3.75
N GLY A 325 -19.14 -10.58 -4.02
CA GLY A 325 -17.89 -11.30 -4.15
C GLY A 325 -17.54 -12.07 -2.88
N ILE A 326 -17.55 -11.37 -1.73
CA ILE A 326 -17.16 -12.02 -0.47
C ILE A 326 -18.16 -13.12 -0.09
N SER A 327 -19.47 -12.95 -0.35
CA SER A 327 -20.35 -14.05 0.02
C SER A 327 -20.10 -15.28 -0.84
N TRP A 328 -19.75 -15.06 -2.12
CA TRP A 328 -19.59 -16.15 -3.08
C TRP A 328 -18.50 -17.09 -2.59
N ILE A 329 -17.37 -16.53 -2.16
CA ILE A 329 -16.22 -17.31 -1.73
C ILE A 329 -16.43 -17.89 -0.33
N ASN A 330 -16.89 -17.08 0.62
CA ASN A 330 -17.06 -17.54 1.99
C ASN A 330 -18.00 -18.75 2.06
N GLU A 331 -19.03 -18.76 1.21
CA GLU A 331 -20.04 -19.82 1.20
C GLU A 331 -19.41 -21.15 0.78
N ARG A 332 -18.33 -21.08 0.00
CA ARG A 332 -17.64 -22.26 -0.51
C ARG A 332 -16.53 -22.71 0.45
N ILE A 333 -15.73 -21.77 0.96
CA ILE A 333 -14.61 -22.14 1.82
C ILE A 333 -15.06 -22.29 3.27
N LYS A 334 -16.32 -21.91 3.56
CA LYS A 334 -16.94 -22.08 4.87
C LYS A 334 -16.17 -21.32 5.96
N ARG A 335 -15.52 -20.23 5.56
CA ARG A 335 -14.80 -19.38 6.49
C ARG A 335 -14.65 -18.00 5.86
N PRO A 336 -14.38 -16.94 6.65
CA PRO A 336 -14.09 -15.62 6.09
C PRO A 336 -12.79 -15.65 5.28
N ALA A 337 -12.87 -15.21 4.00
CA ALA A 337 -11.74 -15.23 3.10
C ALA A 337 -10.67 -14.24 3.54
N TYR A 338 -9.40 -14.59 3.30
CA TYR A 338 -8.25 -13.74 3.58
C TYR A 338 -7.88 -13.03 2.28
N ILE A 339 -8.19 -11.73 2.18
CA ILE A 339 -8.20 -11.08 0.89
C ILE A 339 -6.79 -10.62 0.51
N TRP A 340 -6.43 -11.01 -0.70
CA TRP A 340 -5.23 -10.56 -1.38
C TRP A 340 -5.64 -9.56 -2.45
N TRP A 341 -5.28 -8.29 -2.23
CA TRP A 341 -5.71 -7.23 -3.13
C TRP A 341 -4.57 -6.84 -4.06
N ASN A 342 -4.79 -7.01 -5.37
CA ASN A 342 -3.74 -6.78 -6.36
C ASN A 342 -3.67 -5.31 -6.77
N PHE A 343 -3.42 -4.44 -5.78
CA PHE A 343 -3.19 -3.02 -5.99
C PHE A 343 -2.36 -2.54 -4.80
N PRO A 344 -1.31 -1.67 -4.95
CA PRO A 344 -0.95 -1.03 -6.23
C PRO A 344 0.05 -1.73 -7.15
N VAL A 345 0.23 -3.05 -7.01
CA VAL A 345 1.16 -3.80 -7.83
C VAL A 345 0.99 -3.41 -9.31
N SER A 346 2.12 -3.16 -9.98
CA SER A 346 2.17 -2.63 -11.33
C SER A 346 3.04 -3.53 -12.21
N ASP A 347 3.22 -4.80 -11.79
CA ASP A 347 4.10 -5.72 -12.49
C ASP A 347 3.54 -6.19 -13.85
N TYR A 348 2.29 -5.83 -14.16
CA TYR A 348 1.71 -6.10 -15.49
C TYR A 348 1.50 -4.77 -16.24
N VAL A 349 1.89 -3.63 -15.64
CA VAL A 349 1.84 -2.34 -16.31
C VAL A 349 3.07 -1.52 -15.89
N ARG A 350 4.26 -2.10 -16.11
CA ARG A 350 5.48 -1.69 -15.44
C ARG A 350 5.92 -0.28 -15.82
N ASP A 351 5.40 0.24 -16.93
CA ASP A 351 5.75 1.58 -17.40
C ASP A 351 4.89 2.64 -16.70
N HIS A 352 3.97 2.21 -15.81
CA HIS A 352 3.12 3.14 -15.08
C HIS A 352 3.43 3.11 -13.58
N LEU A 353 3.37 4.28 -12.91
CA LEU A 353 3.30 4.29 -11.45
C LEU A 353 1.85 4.41 -11.01
N LEU A 354 1.47 3.65 -9.97
CA LEU A 354 0.10 3.71 -9.49
C LEU A 354 0.07 4.38 -8.12
N LEU A 355 -0.07 5.71 -8.10
CA LEU A 355 0.11 6.50 -6.90
C LEU A 355 -1.22 7.12 -6.46
N GLY A 356 -2.32 6.65 -7.06
CA GLY A 356 -3.62 7.24 -6.74
C GLY A 356 -4.20 6.72 -5.41
N PRO A 357 -5.39 7.20 -5.03
CA PRO A 357 -6.03 6.74 -3.79
C PRO A 357 -6.49 5.28 -3.84
N VAL A 358 -6.73 4.72 -2.66
CA VAL A 358 -7.17 3.35 -2.53
C VAL A 358 -8.69 3.42 -2.38
N TYR A 359 -9.42 2.82 -3.32
CA TYR A 359 -10.87 2.89 -3.29
C TYR A 359 -11.44 1.68 -4.01
N GLY A 360 -12.74 1.43 -3.79
CA GLY A 360 -13.46 0.42 -4.55
C GLY A 360 -13.86 -0.78 -3.68
N ASN A 361 -13.22 -0.93 -2.52
CA ASN A 361 -13.52 -2.06 -1.65
C ASN A 361 -14.67 -1.68 -0.72
N ASP A 362 -15.61 -2.61 -0.58
CA ASP A 362 -16.84 -2.41 0.18
C ASP A 362 -16.49 -2.23 1.66
N THR A 363 -17.12 -1.22 2.28
CA THR A 363 -16.66 -0.74 3.58
C THR A 363 -17.51 -1.37 4.70
N THR A 364 -18.42 -2.28 4.34
CA THR A 364 -19.37 -2.81 5.31
C THR A 364 -19.16 -4.29 5.58
N ILE A 365 -18.06 -4.87 5.07
CA ILE A 365 -17.92 -6.34 5.04
C ILE A 365 -16.80 -6.86 5.93
N ALA A 366 -16.32 -6.03 6.89
CA ALA A 366 -15.18 -6.41 7.72
C ALA A 366 -15.38 -7.77 8.38
N LYS A 367 -16.62 -8.08 8.79
CA LYS A 367 -16.89 -9.36 9.42
C LYS A 367 -16.72 -10.53 8.45
N GLU A 368 -16.72 -10.28 7.14
CA GLU A 368 -16.68 -11.37 6.16
C GLU A 368 -15.25 -11.62 5.65
N MET A 369 -14.25 -10.90 6.19
CA MET A 369 -12.87 -11.09 5.76
CA MET A 369 -12.86 -11.06 5.77
C MET A 369 -12.00 -11.38 6.98
N SER A 370 -11.16 -12.44 6.89
CA SER A 370 -10.24 -12.76 7.98
C SER A 370 -9.00 -11.85 7.91
N GLY A 371 -8.64 -11.51 6.67
CA GLY A 371 -7.46 -10.71 6.41
C GLY A 371 -7.70 -9.81 5.20
N PHE A 372 -6.87 -8.77 5.11
CA PHE A 372 -6.79 -7.93 3.94
C PHE A 372 -5.33 -7.53 3.76
N VAL A 373 -4.71 -8.00 2.68
CA VAL A 373 -3.31 -7.64 2.39
C VAL A 373 -3.22 -7.05 0.98
N THR A 374 -2.31 -6.07 0.83
CA THR A 374 -2.04 -5.43 -0.47
C THR A 374 -0.78 -6.06 -1.07
N ASN A 375 -0.85 -6.37 -2.38
CA ASN A 375 0.31 -6.67 -3.22
C ASN A 375 0.84 -5.32 -3.75
N PRO A 376 2.04 -4.83 -3.33
CA PRO A 376 2.51 -3.51 -3.72
C PRO A 376 3.37 -3.51 -5.00
N MET A 377 3.91 -2.35 -5.37
CA MET A 377 4.78 -2.26 -6.54
C MET A 377 6.21 -2.68 -6.19
N GLU A 378 7.02 -2.96 -7.22
CA GLU A 378 8.45 -3.13 -7.03
C GLU A 378 9.08 -1.84 -6.51
N HIS A 379 8.36 -0.71 -6.60
CA HIS A 379 8.79 0.56 -6.01
C HIS A 379 8.32 0.64 -4.55
N ALA A 380 9.22 0.36 -3.62
CA ALA A 380 8.87 0.15 -2.21
C ALA A 380 8.32 1.43 -1.58
N GLU A 381 9.10 2.52 -1.63
CA GLU A 381 8.68 3.79 -1.04
C GLU A 381 7.39 4.31 -1.67
N SER A 382 7.29 4.23 -2.99
CA SER A 382 6.14 4.73 -3.73
C SER A 382 4.87 4.01 -3.32
N SER A 383 5.02 2.74 -2.92
CA SER A 383 3.89 1.89 -2.51
C SER A 383 3.28 2.35 -1.17
N LYS A 384 3.99 3.21 -0.43
CA LYS A 384 3.57 3.55 0.91
C LYS A 384 2.28 4.36 0.87
N ILE A 385 2.00 5.05 -0.26
CA ILE A 385 0.76 5.80 -0.35
C ILE A 385 -0.44 4.85 -0.22
N ALA A 386 -0.45 3.77 -1.01
CA ALA A 386 -1.52 2.77 -1.00
C ALA A 386 -1.48 1.96 0.30
N ILE A 387 -0.27 1.66 0.80
CA ILE A 387 -0.13 0.80 1.97
C ILE A 387 -0.76 1.48 3.19
N TYR A 388 -0.48 2.78 3.35
CA TYR A 388 -0.99 3.57 4.45
C TYR A 388 -2.51 3.61 4.39
N SER A 389 -3.04 3.67 3.17
CA SER A 389 -4.48 3.78 2.92
C SER A 389 -5.15 2.45 3.23
N VAL A 390 -4.54 1.34 2.76
CA VAL A 390 -5.01 -0.01 3.06
C VAL A 390 -5.06 -0.22 4.58
N ALA A 391 -4.01 0.25 5.29
CA ALA A 391 -3.94 0.10 6.73
C ALA A 391 -5.15 0.78 7.34
N SER A 392 -5.46 1.98 6.86
CA SER A 392 -6.56 2.79 7.37
C SER A 392 -7.88 2.08 7.08
N TYR A 393 -8.01 1.57 5.85
CA TYR A 393 -9.25 0.94 5.43
C TYR A 393 -9.49 -0.32 6.26
N ALA A 394 -8.44 -1.14 6.44
CA ALA A 394 -8.64 -2.45 7.06
C ALA A 394 -8.84 -2.32 8.57
N TRP A 395 -8.25 -1.29 9.19
CA TRP A 395 -8.47 -1.08 10.62
C TRP A 395 -9.92 -0.64 10.88
N ASN A 396 -10.36 0.39 10.14
CA ASN A 396 -11.66 1.00 10.39
C ASN A 396 -12.40 1.24 9.07
N PRO A 397 -12.88 0.18 8.38
CA PRO A 397 -13.51 0.35 7.07
C PRO A 397 -14.76 1.24 7.11
N ALA A 398 -15.53 1.17 8.20
CA ALA A 398 -16.73 1.99 8.36
C ALA A 398 -16.40 3.48 8.30
N LYS A 399 -15.22 3.90 8.78
CA LYS A 399 -14.86 5.31 8.74
C LYS A 399 -13.91 5.62 7.57
N TYR A 400 -13.74 4.67 6.64
CA TYR A 400 -12.72 4.83 5.61
C TYR A 400 -13.05 6.02 4.69
N ASP A 401 -12.07 6.93 4.53
CA ASP A 401 -12.21 8.13 3.72
C ASP A 401 -11.09 8.15 2.67
N THR A 402 -11.41 7.79 1.42
CA THR A 402 -10.36 7.51 0.45
C THR A 402 -9.46 8.74 0.26
N TRP A 403 -10.10 9.88 -0.05
CA TRP A 403 -9.36 11.08 -0.47
C TRP A 403 -8.57 11.69 0.69
N GLN A 404 -9.18 11.81 1.88
CA GLN A 404 -8.44 12.38 3.01
C GLN A 404 -7.28 11.45 3.39
N THR A 405 -7.49 10.13 3.31
CA THR A 405 -6.44 9.17 3.66
C THR A 405 -5.28 9.28 2.66
N TRP A 406 -5.61 9.43 1.36
CA TRP A 406 -4.61 9.67 0.32
C TRP A 406 -3.76 10.91 0.63
N LYS A 407 -4.41 12.05 0.92
CA LYS A 407 -3.67 13.25 1.25
C LYS A 407 -2.84 13.05 2.53
N ASP A 408 -3.39 12.34 3.53
CA ASP A 408 -2.69 12.14 4.80
C ASP A 408 -1.45 11.28 4.58
N ALA A 409 -1.58 10.27 3.74
CA ALA A 409 -0.47 9.39 3.39
C ALA A 409 0.67 10.23 2.78
N ILE A 410 0.30 11.09 1.83
CA ILE A 410 1.29 11.88 1.10
C ILE A 410 1.98 12.84 2.07
N ARG A 411 1.21 13.46 2.99
CA ARG A 411 1.75 14.41 3.94
C ARG A 411 2.69 13.71 4.92
N THR A 412 2.44 12.41 5.17
CA THR A 412 3.21 11.58 6.10
C THR A 412 4.52 11.21 5.45
N ILE A 413 4.45 10.81 4.18
CA ILE A 413 5.59 10.28 3.47
C ILE A 413 6.56 11.41 3.09
N LEU A 414 6.04 12.60 2.76
CA LEU A 414 6.92 13.64 2.25
C LEU A 414 6.47 15.01 2.75
N PRO A 415 6.54 15.25 4.09
CA PRO A 415 5.97 16.48 4.66
C PRO A 415 6.54 17.74 4.02
N SER A 416 7.81 17.69 3.60
CA SER A 416 8.48 18.89 3.12
C SER A 416 8.02 19.24 1.71
N ALA A 417 7.37 18.33 0.98
CA ALA A 417 6.95 18.63 -0.39
C ALA A 417 5.63 17.95 -0.71
N ALA A 418 4.67 18.05 0.22
CA ALA A 418 3.44 17.27 0.15
C ALA A 418 2.59 17.70 -1.06
N GLU A 419 2.49 19.01 -1.27
CA GLU A 419 1.65 19.53 -2.36
C GLU A 419 2.22 19.07 -3.70
N GLU A 420 3.56 19.07 -3.80
CA GLU A 420 4.22 18.66 -5.03
C GLU A 420 4.02 17.17 -5.30
N LEU A 421 4.10 16.34 -4.26
CA LEU A 421 3.86 14.92 -4.46
C LEU A 421 2.37 14.68 -4.77
N GLU A 422 1.48 15.48 -4.18
CA GLU A 422 0.06 15.33 -4.51
C GLU A 422 -0.20 15.62 -5.99
N CYS A 423 0.37 16.73 -6.48
CA CYS A 423 0.29 17.09 -7.89
C CYS A 423 0.76 15.92 -8.77
N PHE A 424 1.96 15.39 -8.50
CA PHE A 424 2.54 14.29 -9.25
C PHE A 424 1.65 13.05 -9.20
N ALA A 425 1.19 12.71 -7.99
CA ALA A 425 0.41 11.50 -7.77
C ALA A 425 -0.97 11.60 -8.44
N MET A 426 -1.58 12.79 -8.45
CA MET A 426 -2.91 13.03 -9.01
C MET A 426 -2.94 12.64 -10.50
N HIS A 427 -1.80 12.80 -11.18
CA HIS A 427 -1.73 12.58 -12.61
C HIS A 427 -0.95 11.30 -12.93
N ASN A 428 -0.72 10.46 -11.91
CA ASN A 428 -0.02 9.20 -12.11
C ASN A 428 -0.77 8.10 -11.34
N SER A 429 -1.97 7.73 -11.80
CA SER A 429 -2.94 6.92 -11.06
CA SER A 429 -2.82 6.83 -11.03
C SER A 429 -3.47 5.75 -11.90
N ASP A 430 -3.75 6.06 -13.18
CA ASP A 430 -4.36 5.09 -14.08
C ASP A 430 -3.30 4.10 -14.54
N LEU A 431 -3.76 2.89 -14.90
CA LEU A 431 -2.89 1.82 -15.35
C LEU A 431 -2.72 1.90 -16.87
N GLY A 432 -3.62 2.63 -17.54
CA GLY A 432 -3.78 2.53 -18.98
C GLY A 432 -4.33 1.16 -19.40
N PRO A 433 -4.64 0.94 -20.70
CA PRO A 433 -5.22 -0.34 -21.15
C PRO A 433 -4.27 -1.48 -20.78
N ASN A 434 -4.83 -2.63 -20.39
CA ASN A 434 -4.01 -3.74 -19.94
C ASN A 434 -4.84 -5.03 -20.05
N GLY A 435 -4.16 -6.19 -19.97
CA GLY A 435 -4.79 -7.46 -20.23
C GLY A 435 -5.78 -7.86 -19.13
N HIS A 436 -5.73 -7.15 -17.99
CA HIS A 436 -6.67 -7.45 -16.92
C HIS A 436 -7.89 -6.54 -16.94
N GLY A 437 -7.91 -5.51 -17.81
CA GLY A 437 -9.01 -4.55 -17.85
C GLY A 437 -9.18 -3.72 -16.54
N TYR A 438 -8.12 -3.60 -15.74
CA TYR A 438 -8.30 -2.86 -14.50
C TYR A 438 -7.79 -1.43 -14.67
N ARG A 439 -8.67 -0.44 -14.39
CA ARG A 439 -8.31 0.97 -14.54
C ARG A 439 -8.56 1.71 -13.22
N ARG A 440 -7.95 2.90 -13.08
CA ARG A 440 -8.24 3.82 -11.98
C ARG A 440 -8.47 5.21 -12.56
N GLU A 441 -9.14 6.09 -11.79
CA GLU A 441 -9.31 7.47 -12.19
C GLU A 441 -7.97 8.20 -12.16
N GLU A 442 -7.94 9.38 -12.77
CA GLU A 442 -6.73 10.16 -12.82
C GLU A 442 -7.12 11.57 -13.28
N SER A 443 -6.48 12.59 -12.68
CA SER A 443 -6.58 13.96 -13.18
C SER A 443 -8.00 14.50 -13.08
N MET A 444 -8.75 14.07 -12.06
CA MET A 444 -10.16 14.44 -11.94
C MET A 444 -10.34 15.96 -11.76
N ASP A 445 -9.38 16.63 -11.12
CA ASP A 445 -9.44 18.07 -10.87
C ASP A 445 -9.65 18.86 -12.17
N ILE A 446 -9.04 18.42 -13.28
CA ILE A 446 -9.05 19.23 -14.49
C ILE A 446 -9.83 18.54 -15.61
N GLN A 447 -10.35 17.34 -15.35
CA GLN A 447 -11.17 16.64 -16.35
C GLN A 447 -12.22 17.55 -16.97
N PRO A 448 -12.99 18.35 -16.20
CA PRO A 448 -14.02 19.18 -16.82
C PRO A 448 -13.43 20.26 -17.72
N ALA A 449 -12.34 20.87 -17.26
CA ALA A 449 -11.68 21.93 -18.03
C ALA A 449 -11.19 21.38 -19.38
N ALA A 450 -10.57 20.18 -19.34
CA ALA A 450 -9.99 19.50 -20.49
C ALA A 450 -11.05 19.14 -21.51
N GLU A 451 -12.13 18.49 -21.04
CA GLU A 451 -13.25 18.11 -21.89
C GLU A 451 -13.87 19.31 -22.60
N ARG A 452 -14.10 20.41 -21.87
CA ARG A 452 -14.78 21.55 -22.48
C ARG A 452 -13.83 22.23 -23.46
N PHE A 453 -12.54 22.22 -23.13
CA PHE A 453 -11.56 22.85 -24.00
C PHE A 453 -11.52 22.12 -25.35
N LEU A 454 -11.35 20.80 -25.30
CA LEU A 454 -11.26 19.96 -26.49
C LEU A 454 -12.51 20.12 -27.35
N LYS A 455 -13.68 19.94 -26.74
CA LYS A 455 -14.99 20.02 -27.36
C LYS A 455 -15.12 21.32 -28.16
N ALA A 456 -14.78 22.44 -27.53
CA ALA A 456 -14.89 23.74 -28.17
C ALA A 456 -13.92 23.82 -29.35
N PHE A 457 -12.67 23.46 -29.06
CA PHE A 457 -11.54 23.59 -29.98
C PHE A 457 -11.76 22.70 -31.20
N LYS A 458 -12.31 21.51 -30.93
CA LYS A 458 -12.80 20.58 -31.93
C LYS A 458 -13.60 21.36 -32.96
N GLU A 459 -14.84 21.75 -32.59
CA GLU A 459 -15.86 22.19 -33.53
C GLU A 459 -15.73 23.67 -33.86
N GLY A 460 -14.49 24.19 -33.89
CA GLY A 460 -14.23 25.56 -34.30
C GLY A 460 -15.14 26.58 -33.62
N LYS A 461 -15.68 26.20 -32.45
CA LYS A 461 -16.27 27.13 -31.50
C LYS A 461 -15.16 27.63 -30.58
N ASN A 462 -15.33 28.83 -30.01
CA ASN A 462 -14.35 29.41 -29.11
C ASN A 462 -14.31 28.64 -27.80
N TYR A 463 -13.10 28.50 -27.24
CA TYR A 463 -12.93 27.89 -25.94
C TYR A 463 -13.13 28.97 -24.87
N ASP A 464 -13.42 28.55 -23.63
CA ASP A 464 -13.49 29.46 -22.51
C ASP A 464 -12.07 29.79 -22.05
N LYS A 465 -11.82 31.09 -21.89
CA LYS A 465 -10.56 31.63 -21.40
C LYS A 465 -10.19 30.99 -20.05
N ALA A 466 -11.20 30.73 -19.21
CA ALA A 466 -10.96 30.15 -17.88
C ALA A 466 -10.42 28.73 -17.98
N ASP A 467 -10.85 27.98 -19.01
CA ASP A 467 -10.40 26.61 -19.20
C ASP A 467 -8.98 26.61 -19.76
N PHE A 468 -8.70 27.55 -20.68
CA PHE A 468 -7.34 27.74 -21.19
C PHE A 468 -6.40 27.94 -20.00
N GLU A 469 -6.79 28.83 -19.08
CA GLU A 469 -5.98 29.25 -17.95
C GLU A 469 -5.79 28.13 -16.94
N THR A 470 -6.85 27.37 -16.68
CA THR A 470 -6.75 26.16 -15.87
C THR A 470 -5.65 25.23 -16.39
N LEU A 471 -5.66 24.96 -17.71
CA LEU A 471 -4.68 24.07 -18.32
C LEU A 471 -3.29 24.67 -18.17
N GLN A 472 -3.15 25.95 -18.50
CA GLN A 472 -1.89 26.66 -18.37
C GLN A 472 -1.37 26.55 -16.94
N TYR A 473 -2.27 26.80 -15.97
CA TYR A 473 -1.93 26.74 -14.56
C TYR A 473 -1.48 25.33 -14.19
N THR A 474 -2.17 24.32 -14.74
CA THR A 474 -1.82 22.94 -14.44
C THR A 474 -0.40 22.60 -14.93
N PHE A 475 -0.06 23.00 -16.15
CA PHE A 475 1.27 22.67 -16.67
C PHE A 475 2.34 23.40 -15.85
N GLU A 476 2.09 24.67 -15.48
CA GLU A 476 3.07 25.40 -14.69
C GLU A 476 3.28 24.70 -13.35
N ARG A 477 2.19 24.26 -12.73
CA ARG A 477 2.26 23.58 -11.44
C ARG A 477 2.99 22.24 -11.55
N MET A 478 2.77 21.52 -12.65
CA MET A 478 3.46 20.25 -12.86
C MET A 478 4.97 20.46 -12.93
N LYS A 479 5.44 21.53 -13.60
CA LYS A 479 6.89 21.74 -13.75
C LYS A 479 7.52 22.14 -12.43
N GLU A 480 6.87 23.06 -11.70
CA GLU A 480 7.25 23.36 -10.32
C GLU A 480 7.34 22.07 -9.49
N SER A 481 6.33 21.19 -9.56
CA SER A 481 6.29 20.00 -8.73
C SER A 481 7.43 19.04 -9.10
N ALA A 482 7.62 18.83 -10.42
CA ALA A 482 8.68 17.96 -10.92
C ALA A 482 10.04 18.45 -10.43
N ASP A 483 10.32 19.74 -10.56
CA ASP A 483 11.65 20.24 -10.22
C ASP A 483 11.91 20.17 -8.71
N ILE A 484 10.86 20.43 -7.91
CA ILE A 484 11.01 20.43 -6.45
C ILE A 484 11.22 18.98 -6.00
N LEU A 485 10.45 18.04 -6.59
CA LEU A 485 10.58 16.65 -6.18
C LEU A 485 11.95 16.08 -6.52
N LEU A 486 12.48 16.40 -7.72
CA LEU A 486 13.76 15.85 -8.16
C LEU A 486 14.84 16.11 -7.12
N MET A 487 14.78 17.28 -6.47
CA MET A 487 15.89 17.71 -5.62
C MET A 487 15.57 17.49 -4.13
N ASN A 488 14.48 16.76 -3.87
CA ASN A 488 14.03 16.62 -2.49
C ASN A 488 14.90 15.58 -1.79
N THR A 489 15.36 15.89 -0.58
CA THR A 489 16.30 14.99 0.09
C THR A 489 15.70 14.40 1.37
N GLU A 490 14.41 14.60 1.60
CA GLU A 490 13.79 14.07 2.80
C GLU A 490 13.52 12.57 2.64
N ASN A 491 13.15 12.12 1.45
CA ASN A 491 13.00 10.70 1.20
C ASN A 491 13.71 10.36 -0.11
N LYS A 492 15.03 10.18 -0.02
CA LYS A 492 15.84 10.00 -1.21
C LYS A 492 15.48 8.71 -1.94
N PRO A 493 15.25 7.56 -1.23
CA PRO A 493 14.81 6.34 -1.88
C PRO A 493 13.55 6.52 -2.74
N LEU A 494 12.53 7.21 -2.18
CA LEU A 494 11.35 7.58 -2.95
C LEU A 494 11.74 8.30 -4.25
N ILE A 495 12.57 9.35 -4.14
CA ILE A 495 12.92 10.20 -5.28
C ILE A 495 13.63 9.35 -6.33
N VAL A 496 14.61 8.54 -5.88
CA VAL A 496 15.30 7.61 -6.76
C VAL A 496 14.29 6.73 -7.51
N GLU A 497 13.26 6.22 -6.83
CA GLU A 497 12.31 5.35 -7.51
C GLU A 497 11.53 6.06 -8.63
N ILE A 498 11.09 7.31 -8.37
CA ILE A 498 10.16 7.99 -9.28
C ILE A 498 10.87 8.86 -10.33
N THR A 499 12.19 9.08 -10.16
CA THR A 499 12.94 10.03 -10.99
C THR A 499 12.58 9.92 -12.48
N PRO A 500 12.63 8.71 -13.09
CA PRO A 500 12.37 8.61 -14.53
C PRO A 500 11.01 9.21 -14.92
N TRP A 501 9.99 8.93 -14.11
CA TRP A 501 8.63 9.42 -14.33
C TRP A 501 8.54 10.92 -14.09
N VAL A 502 9.28 11.43 -13.09
CA VAL A 502 9.30 12.86 -12.82
C VAL A 502 9.85 13.62 -14.04
N HIS A 503 10.94 13.12 -14.65
CA HIS A 503 11.47 13.70 -15.87
C HIS A 503 10.42 13.70 -16.99
N GLN A 504 9.76 12.55 -17.22
CA GLN A 504 8.74 12.40 -18.25
C GLN A 504 7.56 13.36 -17.98
N PHE A 505 7.21 13.54 -16.69
CA PHE A 505 6.10 14.35 -16.27
C PHE A 505 6.41 15.82 -16.52
N LYS A 506 7.67 16.21 -16.28
CA LYS A 506 8.08 17.58 -16.58
C LYS A 506 8.05 17.82 -18.09
N LEU A 507 8.54 16.85 -18.87
CA LEU A 507 8.50 17.02 -20.32
C LEU A 507 7.06 17.13 -20.82
N THR A 508 6.13 16.36 -20.22
CA THR A 508 4.73 16.41 -20.60
C THR A 508 4.17 17.81 -20.41
N ALA A 509 4.46 18.40 -19.23
CA ALA A 509 4.03 19.74 -18.90
C ALA A 509 4.61 20.76 -19.87
N GLU A 510 5.91 20.64 -20.20
CA GLU A 510 6.55 21.59 -21.12
C GLU A 510 5.87 21.51 -22.48
N MET A 511 5.60 20.27 -22.90
CA MET A 511 4.94 20.05 -24.19
C MET A 511 3.56 20.73 -24.19
N GLY A 512 2.82 20.57 -23.08
CA GLY A 512 1.51 21.19 -22.92
C GLY A 512 1.56 22.72 -23.05
N GLU A 513 2.57 23.35 -22.42
CA GLU A 513 2.77 24.78 -22.53
C GLU A 513 3.05 25.21 -23.96
N GLU A 514 3.91 24.47 -24.66
CA GLU A 514 4.27 24.82 -26.02
C GLU A 514 3.04 24.68 -26.91
N VAL A 515 2.24 23.64 -26.69
CA VAL A 515 1.05 23.41 -27.52
C VAL A 515 0.04 24.54 -27.29
N LEU A 516 -0.10 25.00 -26.04
CA LEU A 516 -1.00 26.12 -25.75
C LEU A 516 -0.55 27.38 -26.49
N LYS A 517 0.78 27.54 -26.65
CA LYS A 517 1.31 28.69 -27.34
C LYS A 517 1.01 28.62 -28.83
N MET A 518 0.93 27.40 -29.37
CA MET A 518 0.53 27.19 -30.75
C MET A 518 -0.95 27.54 -30.94
N VAL A 519 -1.77 27.34 -29.90
CA VAL A 519 -3.19 27.63 -29.95
C VAL A 519 -3.40 29.14 -30.02
N GLU A 520 -2.60 29.87 -29.24
CA GLU A 520 -2.63 31.32 -29.26
C GLU A 520 -1.95 31.87 -30.52
N GLY A 521 -1.06 31.07 -31.11
CA GLY A 521 -0.31 31.37 -32.34
C GLY A 521 -0.55 32.76 -32.89
N ARG A 522 0.48 33.61 -32.82
CA ARG A 522 0.34 35.02 -33.20
C ARG A 522 0.73 35.20 -34.68
N ASN A 523 1.83 34.56 -35.10
CA ASN A 523 2.26 34.63 -36.49
C ASN A 523 2.84 33.27 -36.89
N GLU A 524 3.13 33.15 -38.19
CA GLU A 524 3.59 31.92 -38.82
C GLU A 524 4.94 31.47 -38.24
N SER A 525 5.82 32.45 -38.00
CA SER A 525 7.18 32.18 -37.58
C SER A 525 7.19 31.66 -36.13
N TYR A 526 6.43 32.32 -35.25
CA TYR A 526 6.30 31.91 -33.88
C TYR A 526 5.68 30.50 -33.82
N PHE A 527 4.67 30.26 -34.66
CA PHE A 527 3.99 28.97 -34.65
C PHE A 527 4.99 27.85 -34.99
N LEU A 528 5.82 28.10 -35.99
CA LEU A 528 6.78 27.10 -36.46
C LEU A 528 7.84 26.82 -35.38
N ARG A 529 8.29 27.88 -34.67
CA ARG A 529 9.18 27.71 -33.53
C ARG A 529 8.58 26.78 -32.49
N LYS A 530 7.29 26.97 -32.17
CA LYS A 530 6.65 26.15 -31.14
C LYS A 530 6.47 24.72 -31.62
N TYR A 531 6.11 24.58 -32.91
CA TYR A 531 5.92 23.28 -33.54
C TYR A 531 7.22 22.48 -33.45
N ASN A 532 8.34 23.11 -33.81
CA ASN A 532 9.65 22.47 -33.78
C ASN A 532 10.04 22.13 -32.36
N HIS A 533 9.69 23.00 -31.41
CA HIS A 533 9.97 22.67 -30.02
C HIS A 533 9.14 21.45 -29.57
N VAL A 534 7.84 21.44 -29.88
CA VAL A 534 7.01 20.29 -29.54
C VAL A 534 7.60 18.97 -30.06
N LYS A 535 8.03 18.95 -31.33
CA LYS A 535 8.57 17.75 -31.96
C LYS A 535 9.80 17.27 -31.18
N ALA A 536 10.72 18.20 -30.85
CA ALA A 536 11.92 17.86 -30.07
C ALA A 536 11.55 17.34 -28.67
N LEU A 537 10.53 17.91 -28.02
CA LEU A 537 10.11 17.38 -26.72
C LEU A 537 9.50 15.99 -26.88
N GLN A 538 8.75 15.72 -27.97
CA GLN A 538 8.22 14.37 -28.20
C GLN A 538 9.41 13.41 -28.32
N GLN A 539 10.49 13.85 -29.01
CA GLN A 539 11.65 12.99 -29.20
C GLN A 539 12.34 12.68 -27.87
N GLN A 540 12.49 13.68 -26.99
CA GLN A 540 13.02 13.40 -25.67
C GLN A 540 12.18 12.41 -24.88
N MET A 541 10.85 12.55 -24.94
CA MET A 541 9.99 11.59 -24.24
C MET A 541 10.23 10.16 -24.76
N PHE A 542 10.41 10.00 -26.08
CA PHE A 542 10.72 8.70 -26.65
C PHE A 542 12.06 8.17 -26.16
N TYR A 543 13.02 9.09 -26.04
CA TYR A 543 14.34 8.72 -25.55
C TYR A 543 14.22 8.14 -24.15
N ILE A 544 13.45 8.82 -23.27
CA ILE A 544 13.32 8.32 -21.91
C ILE A 544 12.58 6.99 -21.93
N ASP A 545 11.54 6.92 -22.78
CA ASP A 545 10.74 5.71 -22.93
C ASP A 545 11.61 4.55 -23.45
N GLN A 546 12.69 4.87 -24.18
CA GLN A 546 13.50 3.81 -24.76
C GLN A 546 14.64 3.41 -23.83
N THR A 547 14.98 4.24 -22.84
CA THR A 547 16.23 4.04 -22.13
C THR A 547 16.02 3.81 -20.63
N SER A 548 14.92 4.30 -20.05
CA SER A 548 14.65 4.10 -18.62
C SER A 548 13.71 2.94 -18.40
N ASN A 549 13.84 2.28 -17.24
CA ASN A 549 12.87 1.29 -16.77
C ASN A 549 12.71 0.22 -17.85
N GLN A 550 13.82 -0.27 -18.40
CA GLN A 550 13.75 -1.27 -19.45
C GLN A 550 13.49 -2.62 -18.79
N ASN A 551 12.55 -3.37 -19.34
CA ASN A 551 12.17 -4.67 -18.84
C ASN A 551 11.55 -5.40 -20.03
N PRO A 552 11.52 -6.75 -20.04
CA PRO A 552 10.97 -7.49 -21.17
C PRO A 552 9.49 -7.29 -21.47
N TYR A 553 8.73 -6.70 -20.53
CA TYR A 553 7.28 -6.81 -20.55
C TYR A 553 6.57 -5.53 -20.95
N GLN A 554 6.70 -4.49 -20.13
CA GLN A 554 6.22 -3.16 -20.46
C GLN A 554 7.38 -2.19 -20.24
N PRO A 555 8.35 -2.12 -21.17
CA PRO A 555 9.50 -1.24 -21.00
C PRO A 555 9.06 0.22 -21.02
N GLY A 556 9.76 1.05 -20.24
CA GLY A 556 9.71 2.48 -20.46
C GLY A 556 8.91 3.20 -19.39
N VAL A 557 8.42 4.40 -19.77
CA VAL A 557 7.95 5.37 -18.78
C VAL A 557 6.78 6.16 -19.36
N LYS A 558 5.60 5.95 -18.79
CA LYS A 558 4.40 6.67 -19.18
C LYS A 558 3.85 7.43 -17.97
N THR A 559 3.27 8.61 -18.24
CA THR A 559 2.81 9.50 -17.20
C THR A 559 1.60 10.29 -17.70
N ALA A 560 0.68 10.64 -16.79
CA ALA A 560 -0.42 11.55 -17.14
C ALA A 560 -1.14 11.07 -18.40
N THR A 561 -1.40 9.76 -18.47
CA THR A 561 -1.83 9.10 -19.72
C THR A 561 -3.35 9.18 -19.87
N ARG A 562 -4.08 9.35 -18.77
CA ARG A 562 -5.53 9.18 -18.88
C ARG A 562 -6.18 10.40 -19.55
N VAL A 563 -5.77 11.59 -19.14
CA VAL A 563 -6.44 12.84 -19.50
C VAL A 563 -5.42 13.80 -20.13
N ILE A 564 -4.26 13.98 -19.50
CA ILE A 564 -3.44 15.11 -19.90
C ILE A 564 -2.75 14.85 -21.25
N LYS A 565 -2.04 13.74 -21.37
CA LYS A 565 -1.29 13.46 -22.60
C LYS A 565 -2.24 13.42 -23.80
N PRO A 566 -3.42 12.74 -23.74
CA PRO A 566 -4.37 12.77 -24.86
C PRO A 566 -4.86 14.18 -25.21
N LEU A 567 -5.06 15.02 -24.18
CA LEU A 567 -5.45 16.39 -24.48
C LEU A 567 -4.34 17.09 -25.28
N ILE A 568 -3.08 16.86 -24.93
CA ILE A 568 -1.99 17.56 -25.57
C ILE A 568 -1.87 17.08 -27.01
N ASP A 569 -1.89 15.76 -27.17
CA ASP A 569 -1.82 15.08 -28.46
C ASP A 569 -2.91 15.58 -29.39
N ARG A 570 -4.15 15.65 -28.92
CA ARG A 570 -5.26 16.01 -29.80
C ARG A 570 -5.23 17.51 -30.10
N THR A 571 -4.90 18.32 -29.09
CA THR A 571 -4.82 19.76 -29.31
C THR A 571 -3.73 20.04 -30.36
N PHE A 572 -2.64 19.25 -30.34
CA PHE A 572 -1.52 19.43 -31.25
C PHE A 572 -1.96 19.07 -32.66
N ALA A 573 -2.57 17.90 -32.81
CA ALA A 573 -3.04 17.43 -34.12
C ALA A 573 -4.04 18.42 -34.70
N THR A 574 -4.92 18.99 -33.85
CA THR A 574 -5.91 19.91 -34.36
C THR A 574 -5.26 21.21 -34.84
N VAL A 575 -4.40 21.80 -34.00
CA VAL A 575 -3.90 23.12 -34.35
C VAL A 575 -3.00 23.02 -35.59
N VAL A 576 -2.33 21.86 -35.76
CA VAL A 576 -1.45 21.64 -36.90
C VAL A 576 -2.30 21.55 -38.17
N LYS A 577 -3.45 20.88 -38.08
CA LYS A 577 -4.35 20.73 -39.23
C LYS A 577 -4.92 22.09 -39.63
N PHE A 578 -5.27 22.91 -38.64
CA PHE A 578 -5.70 24.27 -38.93
C PHE A 578 -4.58 25.01 -39.64
N PHE A 579 -3.34 24.87 -39.16
CA PHE A 579 -2.22 25.57 -39.77
C PHE A 579 -2.04 25.11 -41.21
N ASN A 580 -2.14 23.80 -41.43
CA ASN A 580 -1.92 23.21 -42.75
C ASN A 580 -2.94 23.74 -43.75
N GLN A 581 -4.21 23.82 -43.34
CA GLN A 581 -5.27 24.35 -44.18
C GLN A 581 -4.98 25.80 -44.51
N LYS A 582 -4.65 26.60 -43.47
CA LYS A 582 -4.56 28.04 -43.61
C LYS A 582 -3.43 28.45 -44.54
N PHE A 583 -2.23 27.92 -44.31
CA PHE A 583 -1.06 28.33 -45.07
C PHE A 583 -0.75 27.29 -46.15
N ASN A 584 -1.67 26.35 -46.36
CA ASN A 584 -1.52 25.36 -47.43
C ASN A 584 -0.19 24.63 -47.23
N ALA A 585 0.05 24.14 -46.00
CA ALA A 585 1.31 23.53 -45.62
C ALA A 585 1.11 22.05 -45.32
N HIS A 586 2.21 21.34 -45.01
CA HIS A 586 2.22 19.89 -44.91
C HIS A 586 3.00 19.44 -43.68
N LEU A 587 2.89 20.21 -42.57
CA LEU A 587 3.46 19.77 -41.32
C LEU A 587 2.83 18.45 -40.89
N ASP A 588 3.68 17.57 -40.35
CA ASP A 588 3.28 16.31 -39.76
C ASP A 588 2.54 16.60 -38.44
N ALA A 589 1.31 16.08 -38.35
CA ALA A 589 0.40 16.34 -37.24
C ALA A 589 0.46 15.19 -36.24
N THR A 590 1.37 14.23 -36.46
CA THR A 590 1.41 13.05 -35.60
C THR A 590 2.19 13.37 -34.34
N THR A 591 1.93 12.55 -33.32
CA THR A 591 2.24 12.89 -31.94
C THR A 591 3.32 11.92 -31.45
N ASP A 592 3.37 10.75 -32.09
CA ASP A 592 4.43 9.78 -31.84
C ASP A 592 5.46 9.85 -32.98
N TYR A 593 6.51 10.68 -32.78
CA TYR A 593 7.69 10.73 -33.64
C TYR A 593 8.26 9.32 -33.82
N MET A 594 9.03 9.15 -34.90
CA MET A 594 9.45 7.83 -35.36
C MET A 594 10.70 7.99 -36.20
N PRO A 595 11.80 7.26 -35.87
CA PRO A 595 13.11 7.50 -36.49
C PRO A 595 13.24 6.90 -37.89
N HIS A 596 12.40 5.91 -38.21
CA HIS A 596 12.46 5.15 -39.46
C HIS A 596 12.37 6.11 -40.65
#